data_7SKR
#
_entry.id   7SKR
#
_cell.length_a   176.306
_cell.length_b   176.306
_cell.length_c   79.834
_cell.angle_alpha   90.000
_cell.angle_beta   90.000
_cell.angle_gamma   120.000
#
_symmetry.space_group_name_H-M   'P 64 2 2'
#
loop_
_entity.id
_entity.type
_entity.pdbx_description
1 polymer '3C-like proteinase'
2 non-polymer N-[(2-methoxypyridin-4-yl)methyl]-2-[(1R)-1-(naphthalen-1-yl)ethyl]-2-azaspiro[3.3]heptane-6-carboxamide
3 non-polymer 'DIMETHYL SULFOXIDE'
4 non-polymer 'ZINC ION'
5 water water
#
_entity_poly.entity_id   1
_entity_poly.type   'polypeptide(L)'
_entity_poly.pdbx_seq_one_letter_code
;GSHMEVKTIKVFTTVDNTNLHTQLVDMSMTYGQHFGPTYLDGADVTKVKPHVNHEGKTFFVLPSDDTLRSEAFEYYHTLD
ESFLGRYMSALNHTKKWKFPQVGGLTSIKWADNN(OCS)YLSSVLLALQQIEVKFNAPALQEAYYRARAGDAANFCALIL
AYSNKTVGELGDVRETMTHLLQHANLESAKRVLNLVCKHCGQKTTTLMGVEAVMYMGTLSYDELKAGVSIPCVCGRDATQ
YLVQQESSFVMMSAPPAEYKLQQGTFLCANEYTGNYQCGHYTHITAKETLYRIDGAHLTKMSEYKGPVTDVFYKETSYTT
TIK
;
_entity_poly.pdbx_strand_id   A
#
loop_
_chem_comp.id
_chem_comp.type
_chem_comp.name
_chem_comp.formula
9OZ non-polymer N-[(2-methoxypyridin-4-yl)methyl]-2-[(1R)-1-(naphthalen-1-yl)ethyl]-2-azaspiro[3.3]heptane-6-carboxamide 'C26 H29 N3 O2'
DMS non-polymer 'DIMETHYL SULFOXIDE' 'C2 H6 O S'
ZN non-polymer 'ZINC ION' 'Zn 2'
#
# COMPACT_ATOMS: atom_id res chain seq x y z
N GLU A 5 25.53 35.24 -9.63
CA GLU A 5 24.29 35.19 -10.40
C GLU A 5 23.32 34.18 -9.79
N VAL A 6 22.10 34.14 -10.32
CA VAL A 6 21.05 33.25 -9.84
C VAL A 6 20.64 32.31 -10.96
N LYS A 7 20.64 31.01 -10.68
CA LYS A 7 20.19 30.00 -11.63
C LYS A 7 18.74 29.66 -11.32
N THR A 8 17.87 29.83 -12.30
CA THR A 8 16.43 29.69 -12.13
C THR A 8 15.91 28.51 -12.95
N ILE A 9 14.63 28.17 -12.70
CA ILE A 9 13.92 27.18 -13.51
C ILE A 9 12.57 27.79 -13.87
N LYS A 10 12.06 27.39 -15.03
CA LYS A 10 10.72 27.77 -15.47
C LYS A 10 9.72 26.73 -14.99
N VAL A 11 8.71 27.17 -14.22
CA VAL A 11 7.65 26.30 -13.71
C VAL A 11 6.33 27.04 -13.83
N PHE A 12 5.25 26.32 -13.55
CA PHE A 12 3.89 26.86 -13.54
C PHE A 12 3.27 26.66 -12.17
N THR A 13 2.53 27.65 -11.70
CA THR A 13 1.79 27.57 -10.45
C THR A 13 0.31 27.74 -10.71
N THR A 14 -0.51 27.07 -9.90
CA THR A 14 -1.95 27.12 -10.06
C THR A 14 -2.62 26.91 -8.72
N VAL A 15 -3.83 27.46 -8.59
CA VAL A 15 -4.67 27.25 -7.41
C VAL A 15 -6.00 26.61 -7.77
N ASP A 16 -6.23 26.31 -9.05
CA ASP A 16 -7.48 25.72 -9.51
C ASP A 16 -7.28 24.55 -10.46
N ASN A 17 -6.03 24.23 -10.82
CA ASN A 17 -5.72 23.21 -11.82
C ASN A 17 -6.34 23.54 -13.18
N THR A 18 -6.46 24.83 -13.49
CA THR A 18 -7.01 25.27 -14.77
C THR A 18 -6.27 26.50 -15.28
N ASN A 19 -6.13 27.51 -14.43
CA ASN A 19 -5.45 28.75 -14.79
C ASN A 19 -4.03 28.71 -14.22
N LEU A 20 -3.04 28.91 -15.09
CA LEU A 20 -1.64 28.77 -14.73
C LEU A 20 -0.93 30.11 -14.81
N HIS A 21 0.24 30.17 -14.15
CA HIS A 21 1.10 31.35 -14.16
C HIS A 21 2.53 30.92 -14.40
N THR A 22 3.21 31.58 -15.32
CA THR A 22 4.62 31.31 -15.55
C THR A 22 5.46 31.88 -14.41
N GLN A 23 6.36 31.06 -13.88
CA GLN A 23 7.21 31.46 -12.76
C GLN A 23 8.65 31.05 -13.05
N LEU A 24 9.58 31.98 -12.82
CA LEU A 24 11.00 31.71 -12.88
C LEU A 24 11.51 31.73 -11.44
N VAL A 25 11.65 30.55 -10.85
CA VAL A 25 11.91 30.40 -9.42
C VAL A 25 13.40 30.26 -9.17
N ASP A 26 13.85 30.81 -8.04
CA ASP A 26 15.26 30.74 -7.68
C ASP A 26 15.53 29.46 -6.91
N MET A 27 16.55 28.70 -7.36
CA MET A 27 16.93 27.47 -6.69
C MET A 27 17.50 27.72 -5.30
N SER A 28 17.82 28.97 -4.97
CA SER A 28 18.35 29.30 -3.65
C SER A 28 17.29 29.22 -2.55
N MET A 29 16.01 29.17 -2.91
CA MET A 29 14.93 29.19 -1.95
C MET A 29 13.99 28.01 -2.20
N THR A 30 13.22 27.66 -1.17
CA THR A 30 12.25 26.59 -1.30
C THR A 30 10.96 27.11 -1.94
N TYR A 31 10.13 26.16 -2.39
CA TYR A 31 8.83 26.55 -2.96
C TYR A 31 7.95 27.23 -1.92
N GLY A 32 8.09 26.85 -0.66
CA GLY A 32 7.32 27.50 0.39
C GLY A 32 7.69 28.96 0.55
N GLN A 33 8.98 29.27 0.48
CA GLN A 33 9.43 30.67 0.52
C GLN A 33 9.04 31.44 -0.74
N HIS A 34 8.61 30.74 -1.79
CA HIS A 34 8.14 31.40 -3.00
C HIS A 34 6.64 31.65 -2.95
N PHE A 35 5.85 30.63 -2.65
CA PHE A 35 4.44 30.68 -2.93
C PHE A 35 3.60 30.35 -1.72
N GLY A 36 4.20 29.79 -0.67
CA GLY A 36 3.47 29.20 0.42
C GLY A 36 3.46 27.70 0.32
N PRO A 37 2.51 27.07 1.00
CA PRO A 37 2.36 25.61 0.92
C PRO A 37 2.11 25.16 -0.51
N THR A 38 2.98 24.28 -1.01
CA THR A 38 2.97 23.88 -2.41
C THR A 38 3.09 22.37 -2.50
N TYR A 39 2.34 21.77 -3.43
CA TYR A 39 2.32 20.33 -3.62
C TYR A 39 2.55 20.01 -5.09
N LEU A 40 3.11 18.82 -5.34
CA LEU A 40 3.41 18.39 -6.70
C LEU A 40 3.29 16.88 -6.77
N ASP A 41 2.35 16.40 -7.60
CA ASP A 41 2.16 14.97 -7.85
C ASP A 41 1.88 14.18 -6.58
N GLY A 42 1.18 14.79 -5.62
CA GLY A 42 0.84 14.13 -4.39
C GLY A 42 1.85 14.25 -3.27
N ALA A 43 2.91 15.03 -3.47
CA ALA A 43 3.97 15.19 -2.49
C ALA A 43 4.04 16.64 -2.02
N ASP A 44 4.35 16.82 -0.74
CA ASP A 44 4.53 18.16 -0.19
C ASP A 44 5.94 18.64 -0.52
N VAL A 45 6.03 19.74 -1.27
CA VAL A 45 7.31 20.28 -1.69
C VAL A 45 7.51 21.66 -1.06
N THR A 46 6.90 21.89 0.09
CA THR A 46 6.97 23.21 0.72
C THR A 46 8.40 23.53 1.14
N LYS A 47 9.06 22.58 1.81
CA LYS A 47 10.46 22.74 2.21
C LYS A 47 11.39 22.05 1.23
N VAL A 48 11.17 22.23 -0.07
CA VAL A 48 11.95 21.58 -1.11
C VAL A 48 12.47 22.64 -2.06
N LYS A 49 13.75 22.57 -2.38
CA LYS A 49 14.37 23.50 -3.31
C LYS A 49 14.14 23.03 -4.76
N PRO A 50 14.02 23.96 -5.70
CA PRO A 50 13.74 23.57 -7.09
C PRO A 50 14.88 22.76 -7.68
N HIS A 51 14.52 21.77 -8.49
CA HIS A 51 15.45 20.84 -9.09
C HIS A 51 15.14 20.71 -10.57
N VAL A 52 16.17 20.40 -11.36
CA VAL A 52 16.08 20.51 -12.82
C VAL A 52 14.96 19.66 -13.41
N ASN A 53 14.52 18.61 -12.72
CA ASN A 53 13.40 17.82 -13.21
C ASN A 53 12.07 18.54 -13.10
N HIS A 54 11.99 19.59 -12.27
CA HIS A 54 10.73 20.31 -12.08
C HIS A 54 10.39 21.25 -13.21
N GLU A 55 11.27 21.41 -14.20
CA GLU A 55 11.01 22.34 -15.29
C GLU A 55 9.80 21.88 -16.10
N GLY A 56 8.88 22.80 -16.35
CA GLY A 56 7.69 22.52 -17.13
C GLY A 56 6.54 21.93 -16.35
N LYS A 57 6.75 21.48 -15.12
CA LYS A 57 5.68 20.91 -14.32
C LYS A 57 4.86 22.02 -13.65
N THR A 58 3.61 21.69 -13.38
CA THR A 58 2.68 22.61 -12.72
C THR A 58 2.63 22.30 -11.23
N PHE A 59 2.63 23.35 -10.41
CA PHE A 59 2.61 23.20 -8.97
C PHE A 59 1.28 23.68 -8.39
N PHE A 60 0.75 22.94 -7.44
CA PHE A 60 -0.53 23.25 -6.81
C PHE A 60 -0.26 24.03 -5.52
N VAL A 61 -0.86 25.22 -5.42
CA VAL A 61 -0.68 26.11 -4.28
C VAL A 61 -1.97 26.12 -3.47
N LEU A 62 -1.90 25.65 -2.23
CA LEU A 62 -3.05 25.62 -1.33
C LEU A 62 -2.63 26.21 0.02
N PRO A 63 -3.08 27.43 0.34
CA PRO A 63 -2.69 28.03 1.62
C PRO A 63 -3.26 27.26 2.80
N SER A 64 -2.55 27.33 3.92
CA SER A 64 -2.96 26.61 5.12
C SER A 64 -4.18 27.27 5.76
N ASP A 65 -4.97 26.46 6.47
CA ASP A 65 -6.16 26.94 7.15
C ASP A 65 -6.35 26.09 8.40
N ASP A 66 -6.19 26.71 9.57
CA ASP A 66 -6.28 25.97 10.83
C ASP A 66 -7.70 25.50 11.13
N THR A 67 -8.72 26.18 10.59
CA THR A 67 -10.10 25.79 10.86
C THR A 67 -10.48 24.46 10.21
N LEU A 68 -9.67 23.95 9.29
CA LEU A 68 -9.97 22.70 8.60
C LEU A 68 -9.37 21.47 9.28
N ARG A 69 -8.55 21.66 10.32
CA ARG A 69 -7.93 20.52 10.97
CA ARG A 69 -7.93 20.52 10.98
C ARG A 69 -8.98 19.61 11.60
N SER A 70 -10.02 20.19 12.20
CA SER A 70 -11.07 19.38 12.83
C SER A 70 -11.83 18.58 11.78
N GLU A 71 -12.12 19.19 10.63
CA GLU A 71 -12.84 18.47 9.58
C GLU A 71 -12.00 17.35 9.00
N ALA A 72 -10.77 17.66 8.61
CA ALA A 72 -9.88 16.64 8.03
C ALA A 72 -9.70 15.45 8.96
N PHE A 73 -9.69 15.70 10.28
CA PHE A 73 -9.60 14.59 11.23
C PHE A 73 -10.86 13.74 11.23
N GLU A 74 -12.01 14.34 10.93
CA GLU A 74 -13.26 13.58 10.96
C GLU A 74 -13.35 12.61 9.79
N TYR A 75 -13.04 13.08 8.58
CA TYR A 75 -13.25 12.26 7.39
C TYR A 75 -12.07 11.32 7.14
N TYR A 76 -10.84 11.76 7.39
CA TYR A 76 -9.66 11.00 7.04
C TYR A 76 -8.90 10.46 8.23
N HIS A 77 -9.23 10.87 9.46
CA HIS A 77 -8.51 10.47 10.66
C HIS A 77 -7.03 10.83 10.56
N THR A 78 -6.78 12.12 10.33
CA THR A 78 -5.41 12.60 10.19
C THR A 78 -5.29 14.01 10.75
N LEU A 79 -4.14 14.30 11.33
N LEU A 79 -4.13 14.30 11.33
CA LEU A 79 -3.81 15.63 11.82
CA LEU A 79 -3.81 15.63 11.83
C LEU A 79 -2.80 16.35 10.94
C LEU A 79 -2.75 16.32 10.97
N ASP A 80 -2.36 15.71 9.85
CA ASP A 80 -1.39 16.32 8.95
C ASP A 80 -2.06 17.43 8.16
N GLU A 81 -1.60 18.67 8.36
CA GLU A 81 -2.18 19.81 7.68
C GLU A 81 -1.89 19.81 6.19
N SER A 82 -1.05 18.90 5.70
CA SER A 82 -0.74 18.79 4.28
C SER A 82 -1.49 17.66 3.60
N PHE A 83 -2.29 16.89 4.33
CA PHE A 83 -3.01 15.76 3.75
C PHE A 83 -3.94 16.20 2.63
N LEU A 84 -4.63 17.33 2.83
CA LEU A 84 -5.59 17.79 1.83
C LEU A 84 -4.90 18.15 0.52
N GLY A 85 -3.77 18.86 0.60
CA GLY A 85 -3.07 19.25 -0.62
C GLY A 85 -2.49 18.07 -1.37
N ARG A 86 -1.91 17.12 -0.64
CA ARG A 86 -1.36 15.93 -1.28
C ARG A 86 -2.45 15.03 -1.85
N TYR A 87 -3.60 14.97 -1.18
CA TYR A 87 -4.71 14.16 -1.68
C TYR A 87 -5.28 14.73 -2.98
N MET A 88 -5.45 16.06 -3.02
CA MET A 88 -6.05 16.68 -4.21
C MET A 88 -5.12 16.61 -5.41
N SER A 89 -3.82 16.88 -5.20
CA SER A 89 -2.88 16.85 -6.31
C SER A 89 -2.64 15.43 -6.81
N ALA A 90 -2.71 14.44 -5.92
CA ALA A 90 -2.61 13.04 -6.38
C ALA A 90 -3.88 12.62 -7.09
N LEU A 91 -5.04 13.10 -6.64
CA LEU A 91 -6.29 12.77 -7.31
C LEU A 91 -6.35 13.37 -8.70
N ASN A 92 -5.70 14.51 -8.91
CA ASN A 92 -5.65 15.11 -10.24
C ASN A 92 -4.94 14.22 -11.24
N HIS A 93 -4.17 13.23 -10.78
CA HIS A 93 -3.51 12.26 -11.64
C HIS A 93 -4.30 10.96 -11.76
N THR A 94 -4.87 10.47 -10.66
CA THR A 94 -5.53 9.17 -10.66
C THR A 94 -6.88 9.18 -11.38
N LYS A 95 -7.54 10.34 -11.46
CA LYS A 95 -8.82 10.40 -12.16
C LYS A 95 -8.67 10.18 -13.66
N LYS A 96 -7.48 10.40 -14.21
CA LYS A 96 -7.21 10.12 -15.61
C LYS A 96 -6.77 8.69 -15.86
N TRP A 97 -6.53 7.92 -14.81
CA TRP A 97 -6.20 6.51 -14.97
C TRP A 97 -7.43 5.73 -15.46
N LYS A 98 -7.17 4.57 -16.05
CA LYS A 98 -8.21 3.70 -16.56
C LYS A 98 -8.30 2.46 -15.66
N PHE A 99 -9.51 2.10 -15.26
CA PHE A 99 -9.76 1.02 -14.32
C PHE A 99 -10.59 -0.07 -15.01
N PRO A 100 -9.96 -0.89 -15.84
CA PRO A 100 -10.71 -1.94 -16.53
C PRO A 100 -11.04 -3.10 -15.61
N GLN A 101 -12.21 -3.69 -15.82
CA GLN A 101 -12.62 -4.86 -15.05
C GLN A 101 -12.01 -6.10 -15.68
N VAL A 102 -10.99 -6.66 -15.02
CA VAL A 102 -10.28 -7.84 -15.49
C VAL A 102 -10.63 -9.01 -14.58
N GLY A 103 -11.07 -10.12 -15.17
CA GLY A 103 -11.42 -11.29 -14.40
C GLY A 103 -12.49 -11.07 -13.35
N GLY A 104 -13.45 -10.19 -13.65
CA GLY A 104 -14.48 -9.85 -12.69
C GLY A 104 -14.04 -8.94 -11.57
N LEU A 105 -12.79 -8.49 -11.58
CA LEU A 105 -12.24 -7.61 -10.56
C LEU A 105 -11.82 -6.28 -11.19
N THR A 106 -11.77 -5.24 -10.37
CA THR A 106 -11.31 -3.93 -10.84
C THR A 106 -9.79 -3.89 -10.79
N SER A 107 -9.16 -3.74 -11.95
CA SER A 107 -7.73 -3.58 -12.06
C SER A 107 -7.41 -2.15 -12.50
N ILE A 108 -6.13 -1.87 -12.76
CA ILE A 108 -5.68 -0.55 -13.13
C ILE A 108 -4.77 -0.67 -14.34
N LYS A 109 -4.99 0.19 -15.35
CA LYS A 109 -4.13 0.20 -16.52
C LYS A 109 -2.76 0.77 -16.18
N TRP A 110 -1.73 0.26 -16.86
CA TRP A 110 -0.36 0.67 -16.60
C TRP A 110 -0.19 2.17 -16.72
N ALA A 111 0.25 2.81 -15.64
CA ALA A 111 0.49 4.25 -15.62
C ALA A 111 1.19 4.69 -14.35
N ASP A 112 2.30 5.43 -14.49
CA ASP A 112 2.95 6.11 -13.38
C ASP A 112 3.34 5.13 -12.26
N ASN A 113 3.80 3.95 -12.65
CA ASN A 113 4.26 2.92 -11.71
C ASN A 113 3.14 2.54 -10.73
N ASN A 114 1.95 2.31 -11.25
CA ASN A 114 0.82 1.93 -10.41
C ASN A 114 0.64 0.42 -10.32
N OCS A 115 1.60 -0.32 -10.86
CA OCS A 115 1.49 -1.78 -10.89
CB OCS A 115 2.58 -2.40 -11.78
SG OCS A 115 4.22 -1.62 -11.76
C OCS A 115 1.51 -2.39 -9.50
O OCS A 115 1.09 -3.52 -9.31
OD1 OCS A 115 4.58 -1.23 -13.08
OD2 OCS A 115 5.18 -2.55 -11.27
OD3 OCS A 115 4.20 -0.48 -10.91
N TYR A 116 1.99 -1.61 -8.52
CA TYR A 116 1.93 -2.05 -7.13
C TYR A 116 0.59 -1.66 -6.50
N LEU A 117 0.05 -0.51 -6.93
CA LEU A 117 -1.28 -0.10 -6.47
C LEU A 117 -2.36 -1.02 -7.02
N SER A 118 -2.17 -1.53 -8.24
CA SER A 118 -3.12 -2.49 -8.80
C SER A 118 -3.16 -3.76 -7.97
N SER A 119 -1.99 -4.21 -7.48
CA SER A 119 -1.95 -5.42 -6.68
C SER A 119 -2.61 -5.20 -5.32
N VAL A 120 -2.48 -4.00 -4.75
CA VAL A 120 -3.15 -3.70 -3.49
C VAL A 120 -4.66 -3.65 -3.69
N LEU A 121 -5.11 -3.04 -4.79
CA LEU A 121 -6.54 -2.93 -5.05
C LEU A 121 -7.17 -4.28 -5.32
N LEU A 122 -6.45 -5.17 -6.02
CA LEU A 122 -7.02 -6.47 -6.37
C LEU A 122 -7.13 -7.38 -5.16
N ALA A 123 -6.21 -7.25 -4.20
CA ALA A 123 -6.28 -8.09 -3.00
C ALA A 123 -7.38 -7.61 -2.06
N LEU A 124 -7.57 -6.30 -1.96
CA LEU A 124 -8.61 -5.75 -1.10
C LEU A 124 -10.01 -6.11 -1.56
N GLN A 125 -10.19 -6.44 -2.83
CA GLN A 125 -11.48 -6.86 -3.36
C GLN A 125 -11.80 -8.32 -3.08
N GLN A 126 -10.90 -9.05 -2.43
CA GLN A 126 -11.10 -10.46 -2.15
C GLN A 126 -11.01 -10.81 -0.67
N ILE A 127 -10.63 -9.88 0.19
CA ILE A 127 -10.58 -10.10 1.63
C ILE A 127 -11.68 -9.26 2.28
N GLU A 128 -12.24 -9.80 3.36
CA GLU A 128 -13.30 -9.12 4.09
C GLU A 128 -12.66 -8.11 5.03
N VAL A 129 -12.88 -6.82 4.77
CA VAL A 129 -12.23 -5.76 5.52
C VAL A 129 -13.06 -4.49 5.42
N LYS A 130 -12.99 -3.66 6.45
CA LYS A 130 -13.67 -2.38 6.50
C LYS A 130 -12.74 -1.37 7.17
N PHE A 131 -12.79 -0.12 6.71
CA PHE A 131 -11.94 0.94 7.23
C PHE A 131 -12.73 1.86 8.15
N ASN A 132 -12.03 2.42 9.14
CA ASN A 132 -12.67 3.28 10.13
C ASN A 132 -12.92 4.67 9.58
N ALA A 133 -11.96 5.24 8.87
CA ALA A 133 -12.10 6.58 8.30
C ALA A 133 -13.26 6.59 7.32
N PRO A 134 -14.25 7.47 7.48
CA PRO A 134 -15.42 7.43 6.59
C PRO A 134 -15.09 7.69 5.13
N ALA A 135 -14.21 8.66 4.85
CA ALA A 135 -13.86 8.95 3.47
C ALA A 135 -13.11 7.79 2.83
N LEU A 136 -12.28 7.09 3.60
CA LEU A 136 -11.58 5.93 3.05
C LEU A 136 -12.52 4.76 2.79
N GLN A 137 -13.58 4.63 3.59
CA GLN A 137 -14.52 3.53 3.40
C GLN A 137 -15.46 3.79 2.23
N GLU A 138 -15.90 5.05 2.06
CA GLU A 138 -16.75 5.38 0.92
C GLU A 138 -15.99 5.19 -0.39
N ALA A 139 -14.72 5.62 -0.43
CA ALA A 139 -13.91 5.42 -1.63
C ALA A 139 -13.68 3.94 -1.89
N TYR A 140 -13.46 3.16 -0.83
CA TYR A 140 -13.34 1.72 -0.98
C TYR A 140 -14.64 1.10 -1.49
N TYR A 141 -15.77 1.67 -1.09
CA TYR A 141 -17.07 1.20 -1.60
C TYR A 141 -17.20 1.43 -3.10
N ARG A 142 -16.80 2.62 -3.57
CA ARG A 142 -16.88 2.92 -4.99
C ARG A 142 -15.82 2.15 -5.78
N ALA A 143 -14.66 1.90 -5.18
CA ALA A 143 -13.61 1.16 -5.88
C ALA A 143 -14.03 -0.27 -6.16
N ARG A 144 -14.75 -0.89 -5.23
CA ARG A 144 -15.25 -2.25 -5.44
C ARG A 144 -16.28 -2.29 -6.58
N ALA A 145 -16.90 -1.17 -6.91
CA ALA A 145 -17.83 -1.10 -8.04
C ALA A 145 -17.15 -0.67 -9.33
N GLY A 146 -15.94 -0.13 -9.27
CA GLY A 146 -15.23 0.24 -10.48
C GLY A 146 -14.57 1.60 -10.41
N ASP A 147 -15.14 2.51 -9.63
CA ASP A 147 -14.62 3.88 -9.52
C ASP A 147 -13.59 3.89 -8.39
N ALA A 148 -12.34 3.60 -8.75
CA ALA A 148 -11.24 3.54 -7.78
C ALA A 148 -10.36 4.77 -7.83
N ALA A 149 -10.78 5.84 -8.51
CA ALA A 149 -9.94 7.02 -8.64
C ALA A 149 -9.65 7.65 -7.29
N ASN A 150 -10.70 7.93 -6.51
CA ASN A 150 -10.51 8.51 -5.19
C ASN A 150 -9.78 7.57 -4.25
N PHE A 151 -9.97 6.26 -4.42
CA PHE A 151 -9.37 5.30 -3.50
C PHE A 151 -7.85 5.26 -3.65
N CYS A 152 -7.36 5.22 -4.90
CA CYS A 152 -5.91 5.20 -5.10
C CYS A 152 -5.27 6.51 -4.64
N ALA A 153 -5.97 7.64 -4.81
CA ALA A 153 -5.44 8.91 -4.34
C ALA A 153 -5.32 8.92 -2.82
N LEU A 154 -6.26 8.27 -2.13
CA LEU A 154 -6.17 8.17 -0.67
C LEU A 154 -5.03 7.26 -0.25
N ILE A 155 -4.87 6.13 -0.93
CA ILE A 155 -3.78 5.21 -0.60
C ILE A 155 -2.43 5.89 -0.78
N LEU A 156 -2.30 6.72 -1.82
CA LEU A 156 -1.07 7.47 -2.02
C LEU A 156 -0.84 8.48 -0.89
N ALA A 157 -1.91 9.15 -0.45
CA ALA A 157 -1.76 10.14 0.61
C ALA A 157 -1.45 9.47 1.94
N TYR A 158 -2.11 8.36 2.26
CA TYR A 158 -1.87 7.69 3.53
C TYR A 158 -0.47 7.11 3.61
N SER A 159 0.14 6.80 2.47
CA SER A 159 1.48 6.21 2.43
C SER A 159 2.58 7.24 2.26
N ASN A 160 2.23 8.52 2.13
CA ASN A 160 3.20 9.59 1.88
C ASN A 160 4.04 9.28 0.63
N LYS A 161 3.39 8.71 -0.37
CA LYS A 161 4.04 8.33 -1.62
C LYS A 161 3.64 9.30 -2.73
N THR A 162 4.46 9.34 -3.77
CA THR A 162 4.30 10.28 -4.86
C THR A 162 3.82 9.55 -6.11
N VAL A 163 2.98 10.21 -6.90
CA VAL A 163 2.54 9.65 -8.18
C VAL A 163 3.74 9.52 -9.10
N GLY A 164 4.01 8.30 -9.55
CA GLY A 164 5.08 8.00 -10.47
C GLY A 164 6.19 7.16 -9.89
N GLU A 165 6.42 7.25 -8.58
CA GLU A 165 7.47 6.50 -7.93
C GLU A 165 6.96 5.13 -7.50
N LEU A 166 7.84 4.13 -7.58
CA LEU A 166 7.47 2.76 -7.27
C LEU A 166 7.32 2.57 -5.76
N GLY A 167 6.61 1.50 -5.40
CA GLY A 167 6.39 1.20 -4.00
C GLY A 167 6.18 -0.29 -3.80
N ASP A 168 6.28 -0.70 -2.54
CA ASP A 168 6.04 -2.08 -2.14
C ASP A 168 4.59 -2.27 -1.72
N VAL A 169 3.97 -3.35 -2.20
CA VAL A 169 2.59 -3.61 -1.83
C VAL A 169 2.48 -4.02 -0.37
N ARG A 170 3.54 -4.62 0.17
CA ARG A 170 3.53 -4.98 1.59
C ARG A 170 3.63 -3.73 2.46
N GLU A 171 4.60 -2.86 2.16
CA GLU A 171 4.73 -1.61 2.91
C GLU A 171 3.45 -0.78 2.84
N THR A 172 2.82 -0.73 1.67
CA THR A 172 1.61 0.07 1.53
C THR A 172 0.45 -0.54 2.31
N MET A 173 0.38 -1.87 2.39
CA MET A 173 -0.66 -2.49 3.20
C MET A 173 -0.48 -2.18 4.68
N THR A 174 0.76 -2.08 5.15
CA THR A 174 0.99 -1.68 6.53
C THR A 174 0.40 -0.30 6.82
N HIS A 175 0.74 0.69 5.99
CA HIS A 175 0.22 2.03 6.18
C HIS A 175 -1.30 2.07 6.08
N LEU A 176 -1.87 1.24 5.21
CA LEU A 176 -3.30 1.29 4.96
C LEU A 176 -4.10 0.58 6.06
N LEU A 177 -3.62 -0.58 6.51
CA LEU A 177 -4.36 -1.36 7.49
C LEU A 177 -4.38 -0.72 8.88
N GLN A 178 -3.58 0.32 9.12
CA GLN A 178 -3.67 1.04 10.39
C GLN A 178 -5.04 1.70 10.54
N HIS A 179 -5.69 2.03 9.43
CA HIS A 179 -7.03 2.60 9.45
C HIS A 179 -8.11 1.58 9.21
N ALA A 180 -7.75 0.30 9.08
CA ALA A 180 -8.74 -0.77 9.01
C ALA A 180 -9.27 -1.07 10.41
N ASN A 181 -10.39 -1.79 10.44
CA ASN A 181 -11.02 -2.16 11.71
C ASN A 181 -10.66 -3.61 12.05
N LEU A 182 -9.41 -3.78 12.45
CA LEU A 182 -8.86 -5.06 12.90
C LEU A 182 -8.79 -5.15 14.41
N GLU A 183 -9.73 -4.50 15.11
CA GLU A 183 -9.74 -4.46 16.56
C GLU A 183 -9.97 -5.84 17.17
N SER A 184 -10.71 -6.70 16.49
CA SER A 184 -11.05 -8.03 16.99
C SER A 184 -10.23 -9.12 16.28
N ALA A 185 -9.13 -8.73 15.65
CA ALA A 185 -8.19 -9.68 15.08
C ALA A 185 -7.14 -10.03 16.12
N LYS A 186 -6.88 -11.33 16.30
CA LYS A 186 -6.00 -11.81 17.36
C LYS A 186 -5.07 -12.87 16.80
N ARG A 187 -3.81 -12.83 17.20
CA ARG A 187 -2.82 -13.83 16.82
C ARG A 187 -1.96 -14.16 18.04
N VAL A 188 -1.76 -15.46 18.28
CA VAL A 188 -0.97 -15.93 19.40
C VAL A 188 0.17 -16.77 18.85
N LEU A 189 1.40 -16.38 19.18
CA LEU A 189 2.61 -17.07 18.74
C LEU A 189 3.33 -17.67 19.93
N ASN A 190 3.97 -18.81 19.71
CA ASN A 190 4.78 -19.50 20.72
C ASN A 190 6.22 -19.55 20.22
N LEU A 191 7.06 -18.66 20.73
CA LEU A 191 8.47 -18.63 20.38
C LEU A 191 9.23 -19.59 21.28
N VAL A 192 10.01 -20.49 20.67
CA VAL A 192 10.72 -21.54 21.39
C VAL A 192 12.21 -21.32 21.17
N CYS A 193 12.89 -20.75 22.16
CA CYS A 193 14.33 -20.62 22.15
C CYS A 193 14.95 -21.71 23.02
N LYS A 194 16.07 -22.27 22.57
CA LYS A 194 16.73 -23.35 23.26
C LYS A 194 17.66 -22.87 24.37
N HIS A 195 17.68 -21.57 24.63
CA HIS A 195 18.36 -21.00 25.79
C HIS A 195 17.40 -20.30 26.74
N CYS A 196 16.44 -19.53 26.21
CA CYS A 196 15.50 -18.78 27.03
C CYS A 196 14.25 -19.56 27.36
N GLY A 197 13.80 -20.45 26.47
CA GLY A 197 12.61 -21.26 26.70
C GLY A 197 11.45 -20.83 25.82
N GLN A 198 10.29 -21.39 26.13
CA GLN A 198 9.09 -21.12 25.36
C GLN A 198 8.44 -19.82 25.82
N LYS A 199 7.75 -19.15 24.89
CA LYS A 199 7.34 -17.77 25.11
C LYS A 199 6.10 -17.46 24.28
N THR A 200 5.04 -17.01 24.96
CA THR A 200 3.80 -16.60 24.31
C THR A 200 3.81 -15.10 24.04
N THR A 201 3.48 -14.71 22.81
CA THR A 201 3.26 -13.33 22.42
C THR A 201 1.88 -13.23 21.79
N THR A 202 1.00 -12.43 22.41
CA THR A 202 -0.34 -12.19 21.88
C THR A 202 -0.30 -10.92 21.03
N LEU A 203 -0.23 -11.10 19.72
CA LEU A 203 -0.23 -9.98 18.79
C LEU A 203 -1.67 -9.68 18.35
N MET A 204 -2.00 -8.39 18.30
CA MET A 204 -3.35 -7.97 17.94
C MET A 204 -3.26 -6.78 17.01
N GLY A 205 -4.36 -6.54 16.30
CA GLY A 205 -4.44 -5.38 15.41
C GLY A 205 -3.86 -5.68 14.04
N VAL A 206 -3.08 -4.73 13.52
CA VAL A 206 -2.47 -4.85 12.20
C VAL A 206 -1.43 -5.96 12.18
N GLU A 207 -0.78 -6.20 13.32
CA GLU A 207 0.24 -7.24 13.49
C GLU A 207 -0.34 -8.65 13.56
N ALA A 208 -1.64 -8.81 13.86
CA ALA A 208 -2.20 -10.16 13.95
C ALA A 208 -2.46 -10.80 12.60
N VAL A 209 -2.43 -10.02 11.52
CA VAL A 209 -2.77 -10.52 10.19
C VAL A 209 -1.59 -10.53 9.23
N MET A 210 -0.46 -9.92 9.59
CA MET A 210 0.66 -9.76 8.68
C MET A 210 1.92 -10.38 9.29
N TYR A 211 2.64 -11.14 8.46
CA TYR A 211 3.89 -11.76 8.84
C TYR A 211 4.91 -11.55 7.74
N MET A 212 6.17 -11.37 8.12
CA MET A 212 7.27 -11.20 7.18
C MET A 212 8.32 -12.26 7.45
N GLY A 213 8.68 -13.02 6.41
CA GLY A 213 9.68 -14.04 6.56
C GLY A 213 9.38 -15.29 5.75
N THR A 214 8.10 -15.56 5.51
CA THR A 214 7.71 -16.75 4.76
C THR A 214 6.43 -16.47 4.00
N LEU A 215 6.24 -17.22 2.91
CA LEU A 215 5.04 -17.12 2.10
CA LEU A 215 5.03 -17.13 2.10
C LEU A 215 3.99 -18.18 2.44
N SER A 216 4.41 -19.30 3.01
CA SER A 216 3.50 -20.40 3.31
C SER A 216 2.81 -20.17 4.65
N TYR A 217 1.48 -20.21 4.64
CA TYR A 217 0.71 -20.12 5.88
C TYR A 217 0.79 -21.41 6.68
N ASP A 218 1.00 -22.54 6.01
CA ASP A 218 1.22 -23.80 6.73
C ASP A 218 2.60 -23.85 7.36
N GLU A 219 3.56 -23.11 6.80
CA GLU A 219 4.89 -23.05 7.40
C GLU A 219 4.86 -22.34 8.73
N LEU A 220 4.03 -21.30 8.85
CA LEU A 220 3.89 -20.61 10.13
C LEU A 220 3.15 -21.48 11.15
N LYS A 221 2.19 -22.28 10.69
CA LYS A 221 1.46 -23.16 11.60
C LYS A 221 2.36 -24.27 12.14
N ALA A 222 3.27 -24.78 11.30
CA ALA A 222 4.13 -25.88 11.72
C ALA A 222 5.36 -25.38 12.47
N GLY A 223 5.93 -24.27 12.03
CA GLY A 223 7.13 -23.73 12.67
C GLY A 223 8.09 -23.10 11.68
N VAL A 224 8.48 -21.85 11.95
CA VAL A 224 9.38 -21.11 11.08
C VAL A 224 10.50 -20.55 11.93
N SER A 225 11.70 -20.49 11.36
CA SER A 225 12.86 -19.99 12.08
C SER A 225 12.75 -18.48 12.30
N ILE A 226 13.39 -18.00 13.36
CA ILE A 226 13.40 -16.58 13.71
C ILE A 226 14.46 -16.34 14.78
N PRO A 227 15.26 -15.28 14.66
CA PRO A 227 16.27 -14.99 15.70
C PRO A 227 15.62 -14.53 17.00
N CYS A 228 15.93 -15.22 18.09
CA CYS A 228 15.49 -14.81 19.41
C CYS A 228 16.21 -13.53 19.82
N VAL A 229 15.65 -12.85 20.82
CA VAL A 229 16.24 -11.61 21.32
C VAL A 229 17.56 -11.82 22.01
N CYS A 230 17.95 -13.07 22.27
CA CYS A 230 19.23 -13.38 22.88
C CYS A 230 20.34 -13.58 21.86
N GLY A 231 20.02 -13.58 20.57
CA GLY A 231 21.02 -13.78 19.53
C GLY A 231 20.88 -15.12 18.83
N ARG A 232 20.56 -16.16 19.59
CA ARG A 232 20.40 -17.49 19.01
CA ARG A 232 20.40 -17.49 19.01
C ARG A 232 19.19 -17.53 18.08
N ASP A 233 19.18 -18.53 17.21
CA ASP A 233 18.09 -18.73 16.27
C ASP A 233 17.06 -19.66 16.88
N ALA A 234 15.84 -19.15 17.06
CA ALA A 234 14.76 -19.89 17.69
C ALA A 234 13.74 -20.31 16.63
N THR A 235 12.56 -20.72 17.10
CA THR A 235 11.49 -21.17 16.21
C THR A 235 10.15 -20.80 16.84
N GLN A 236 9.26 -20.20 16.05
CA GLN A 236 7.94 -19.84 16.52
C GLN A 236 6.89 -20.42 15.58
N TYR A 237 5.75 -20.83 16.15
CA TYR A 237 4.67 -21.41 15.38
C TYR A 237 3.35 -20.81 15.86
N LEU A 238 2.37 -20.79 14.96
CA LEU A 238 1.08 -20.16 15.24
C LEU A 238 0.25 -21.04 16.17
N VAL A 239 -0.17 -20.48 17.29
CA VAL A 239 -0.98 -21.19 18.27
C VAL A 239 -2.47 -20.93 18.05
N GLN A 240 -2.84 -19.65 17.93
CA GLN A 240 -4.22 -19.26 17.70
C GLN A 240 -4.26 -18.10 16.73
N GLN A 241 -5.07 -18.20 15.68
CA GLN A 241 -5.34 -17.09 14.78
C GLN A 241 -6.84 -16.87 14.73
N GLU A 242 -7.22 -15.59 14.66
CA GLU A 242 -8.62 -15.22 14.77
C GLU A 242 -8.89 -13.94 13.99
N SER A 243 -9.09 -14.06 12.68
CA SER A 243 -9.31 -12.92 11.81
C SER A 243 -9.97 -13.40 10.53
N SER A 244 -10.30 -12.46 9.65
CA SER A 244 -10.92 -12.79 8.38
C SER A 244 -9.92 -13.13 7.28
N PHE A 245 -8.64 -12.84 7.50
CA PHE A 245 -7.61 -13.11 6.50
C PHE A 245 -6.24 -13.04 7.16
N VAL A 246 -5.24 -13.57 6.45
CA VAL A 246 -3.84 -13.43 6.82
C VAL A 246 -3.04 -13.11 5.56
N MET A 247 -1.95 -12.38 5.74
CA MET A 247 -1.11 -11.96 4.62
C MET A 247 0.34 -12.37 4.91
N MET A 248 0.82 -13.37 4.19
CA MET A 248 2.20 -13.82 4.32
C MET A 248 3.09 -13.08 3.32
N SER A 249 4.24 -12.62 3.79
CA SER A 249 5.17 -11.85 2.96
C SER A 249 6.58 -12.36 3.11
N ALA A 250 7.36 -12.20 2.03
CA ALA A 250 8.77 -12.60 1.99
C ALA A 250 9.43 -11.95 0.78
N PRO A 251 10.74 -11.74 0.81
CA PRO A 251 11.43 -11.17 -0.36
C PRO A 251 11.26 -12.06 -1.58
N PRO A 252 11.43 -11.51 -2.78
CA PRO A 252 11.16 -12.29 -4.00
C PRO A 252 12.01 -13.54 -4.09
N ALA A 253 11.36 -14.64 -4.48
CA ALA A 253 11.99 -15.94 -4.70
C ALA A 253 10.97 -16.83 -5.40
N GLU A 254 11.48 -17.83 -6.12
CA GLU A 254 10.60 -18.75 -6.83
C GLU A 254 9.68 -19.50 -5.87
N TYR A 255 8.40 -19.17 -5.88
CA TYR A 255 7.39 -19.88 -5.13
C TYR A 255 6.41 -20.54 -6.10
N LYS A 256 5.94 -21.72 -5.73
CA LYS A 256 5.05 -22.51 -6.58
C LYS A 256 3.64 -22.41 -6.00
N LEU A 257 2.74 -21.76 -6.73
CA LEU A 257 1.38 -21.55 -6.28
C LEU A 257 0.48 -22.66 -6.81
N GLN A 258 -0.13 -23.42 -5.90
CA GLN A 258 -1.08 -24.45 -6.26
C GLN A 258 -2.50 -23.89 -6.25
N GLN A 259 -3.43 -24.65 -6.84
CA GLN A 259 -4.83 -24.27 -6.82
C GLN A 259 -5.46 -24.66 -5.49
N GLY A 260 -6.34 -23.80 -4.98
CA GLY A 260 -7.07 -24.09 -3.77
C GLY A 260 -6.26 -24.03 -2.49
N THR A 261 -5.01 -23.59 -2.55
CA THR A 261 -4.18 -23.45 -1.36
C THR A 261 -4.14 -22.03 -0.83
N PHE A 262 -4.57 -21.05 -1.62
CA PHE A 262 -4.46 -19.65 -1.24
C PHE A 262 -5.60 -18.86 -1.86
N LEU A 263 -5.72 -17.60 -1.46
CA LEU A 263 -6.77 -16.72 -1.95
C LEU A 263 -6.29 -15.91 -3.15
N CYS A 264 -5.20 -15.17 -2.99
CA CYS A 264 -4.58 -14.41 -4.07
C CYS A 264 -3.13 -14.13 -3.67
N ALA A 265 -2.34 -13.69 -4.63
CA ALA A 265 -0.93 -13.47 -4.40
C ALA A 265 -0.41 -12.35 -5.29
N ASN A 266 0.78 -11.86 -4.97
CA ASN A 266 1.47 -10.85 -5.75
C ASN A 266 2.88 -11.34 -6.04
N GLU A 267 3.37 -11.05 -7.24
CA GLU A 267 4.72 -11.42 -7.64
C GLU A 267 5.45 -10.19 -8.17
N TYR A 268 6.78 -10.26 -8.17
CA TYR A 268 7.62 -9.12 -8.48
C TYR A 268 8.85 -9.60 -9.24
N THR A 269 8.98 -9.18 -10.50
CA THR A 269 10.13 -9.52 -11.34
C THR A 269 11.03 -8.30 -11.47
N GLY A 270 12.28 -8.45 -11.03
CA GLY A 270 13.24 -7.37 -11.16
C GLY A 270 14.15 -7.21 -9.96
N ASN A 271 15.01 -6.20 -10.01
CA ASN A 271 15.92 -5.91 -8.90
C ASN A 271 15.20 -5.08 -7.84
N TYR A 272 15.96 -4.54 -6.89
CA TYR A 272 15.35 -3.70 -5.86
C TYR A 272 14.95 -2.34 -6.42
N GLN A 273 15.66 -1.86 -7.44
CA GLN A 273 15.38 -0.54 -7.99
C GLN A 273 14.14 -0.54 -8.87
N CYS A 274 14.09 -1.45 -9.85
CA CYS A 274 12.99 -1.51 -10.80
C CYS A 274 12.42 -2.92 -10.87
N GLY A 275 11.10 -3.00 -11.03
CA GLY A 275 10.42 -4.27 -11.14
C GLY A 275 8.97 -4.05 -11.51
N HIS A 276 8.29 -5.15 -11.81
CA HIS A 276 6.88 -5.11 -12.20
C HIS A 276 6.09 -6.08 -11.35
N TYR A 277 5.05 -5.57 -10.69
CA TYR A 277 4.11 -6.39 -9.95
C TYR A 277 3.02 -6.91 -10.88
N THR A 278 2.66 -8.18 -10.71
CA THR A 278 1.45 -8.73 -11.30
C THR A 278 0.70 -9.52 -10.23
N HIS A 279 -0.61 -9.66 -10.42
CA HIS A 279 -1.49 -10.23 -9.41
C HIS A 279 -2.02 -11.57 -9.88
N ILE A 280 -2.05 -12.54 -8.97
CA ILE A 280 -2.56 -13.87 -9.24
C ILE A 280 -3.72 -14.14 -8.29
N THR A 281 -4.83 -14.62 -8.84
CA THR A 281 -6.01 -14.98 -8.05
C THR A 281 -6.51 -16.36 -8.49
N ALA A 282 -7.25 -17.01 -7.60
CA ALA A 282 -7.76 -18.35 -7.83
C ALA A 282 -9.27 -18.30 -8.01
N LYS A 283 -9.78 -18.74 -9.16
CA LYS A 283 -11.22 -18.67 -9.43
C LYS A 283 -11.73 -20.05 -9.84
N GLU A 284 -11.73 -20.33 -11.13
CA GLU A 284 -11.84 -21.71 -11.58
C GLU A 284 -10.48 -22.30 -11.91
N THR A 285 -9.55 -21.46 -12.37
CA THR A 285 -8.14 -21.76 -12.48
C THR A 285 -7.39 -20.54 -11.99
N LEU A 286 -6.06 -20.58 -12.06
CA LEU A 286 -5.27 -19.44 -11.61
C LEU A 286 -5.29 -18.34 -12.68
N TYR A 287 -5.68 -17.14 -12.26
CA TYR A 287 -5.68 -15.97 -13.12
C TYR A 287 -4.44 -15.13 -12.82
N ARG A 288 -3.86 -14.53 -13.86
CA ARG A 288 -2.77 -13.57 -13.68
C ARG A 288 -3.20 -12.26 -14.33
N ILE A 289 -3.30 -11.21 -13.52
CA ILE A 289 -3.80 -9.91 -13.95
C ILE A 289 -2.63 -8.96 -14.00
N ASP A 290 -2.09 -8.73 -15.20
CA ASP A 290 -1.00 -7.77 -15.40
C ASP A 290 -1.61 -6.47 -15.93
N GLY A 291 -2.14 -5.68 -15.00
CA GLY A 291 -2.80 -4.45 -15.36
C GLY A 291 -4.12 -4.70 -16.07
N ALA A 292 -4.21 -4.26 -17.32
CA ALA A 292 -5.40 -4.47 -18.14
C ALA A 292 -5.37 -5.80 -18.89
N HIS A 293 -4.37 -6.64 -18.64
CA HIS A 293 -4.17 -7.88 -19.38
C HIS A 293 -4.33 -9.07 -18.46
N LEU A 294 -4.94 -10.13 -18.99
CA LEU A 294 -5.28 -11.33 -18.22
C LEU A 294 -4.69 -12.56 -18.88
N THR A 295 -4.06 -13.41 -18.08
CA THR A 295 -3.60 -14.73 -18.52
C THR A 295 -4.20 -15.78 -17.60
N LYS A 296 -4.34 -16.99 -18.11
CA LYS A 296 -4.90 -18.09 -17.33
C LYS A 296 -3.89 -19.22 -17.20
N MET A 297 -3.93 -19.91 -16.05
CA MET A 297 -2.85 -20.80 -15.66
C MET A 297 -3.40 -21.91 -14.78
N SER A 298 -2.89 -23.12 -15.00
CA SER A 298 -3.16 -24.21 -14.07
C SER A 298 -2.36 -24.05 -12.79
N GLU A 299 -1.14 -23.52 -12.89
CA GLU A 299 -0.34 -23.18 -11.72
C GLU A 299 0.70 -22.16 -12.16
N TYR A 300 1.27 -21.46 -11.18
CA TYR A 300 2.24 -20.40 -11.43
C TYR A 300 3.47 -20.61 -10.57
N LYS A 301 4.65 -20.59 -11.19
CA LYS A 301 5.93 -20.70 -10.50
C LYS A 301 6.75 -19.47 -10.86
N GLY A 302 6.73 -18.46 -10.00
CA GLY A 302 7.48 -17.24 -10.23
C GLY A 302 7.91 -16.59 -8.95
N PRO A 303 8.46 -15.38 -9.04
CA PRO A 303 8.95 -14.65 -7.85
C PRO A 303 7.82 -14.02 -7.03
N VAL A 304 7.16 -14.84 -6.23
CA VAL A 304 6.05 -14.36 -5.40
C VAL A 304 6.60 -13.59 -4.21
N THR A 305 5.90 -12.51 -3.84
CA THR A 305 6.29 -11.67 -2.72
C THR A 305 5.28 -11.68 -1.59
N ASP A 306 3.98 -11.72 -1.90
CA ASP A 306 2.94 -11.69 -0.89
C ASP A 306 1.83 -12.66 -1.29
N VAL A 307 1.30 -13.37 -0.29
CA VAL A 307 0.20 -14.32 -0.50
C VAL A 307 -0.87 -14.06 0.56
N PHE A 308 -2.13 -14.14 0.16
CA PHE A 308 -3.26 -13.94 1.05
C PHE A 308 -4.02 -15.25 1.23
N TYR A 309 -4.53 -15.47 2.45
CA TYR A 309 -5.32 -16.66 2.75
C TYR A 309 -6.57 -16.25 3.52
N LYS A 310 -7.62 -17.03 3.34
CA LYS A 310 -8.86 -16.83 4.08
C LYS A 310 -8.77 -17.47 5.45
N GLU A 311 -9.43 -16.84 6.43
CA GLU A 311 -9.39 -17.34 7.80
C GLU A 311 -10.67 -16.97 8.52
N THR A 312 -11.02 -17.76 9.53
CA THR A 312 -12.09 -17.43 10.45
C THR A 312 -11.57 -17.55 11.88
N SER A 313 -11.11 -18.74 12.24
CA SER A 313 -10.49 -18.98 13.54
C SER A 313 -9.67 -20.26 13.44
N TYR A 314 -8.47 -20.23 14.00
CA TYR A 314 -7.56 -21.36 13.96
C TYR A 314 -6.97 -21.61 15.34
N THR A 315 -6.73 -22.89 15.65
CA THR A 315 -6.08 -23.30 16.89
C THR A 315 -5.21 -24.49 16.60
N THR A 316 -3.97 -24.45 17.08
CA THR A 316 -3.04 -25.55 16.85
C THR A 316 -3.51 -26.80 17.59
N THR A 317 -3.09 -27.96 17.08
CA THR A 317 -3.50 -29.25 17.63
C THR A 317 -2.59 -29.62 18.79
N ILE A 318 -3.20 -29.91 19.94
CA ILE A 318 -2.46 -30.23 21.15
C ILE A 318 -1.97 -31.67 21.12
C1 9OZ B . 17.83 5.51 -5.11
C2 9OZ B . 15.78 4.24 -5.02
C3 9OZ B . 14.67 3.81 -5.75
C4 9OZ B . 13.98 2.69 -5.30
C5 9OZ B . 12.77 2.16 -6.03
C6 9OZ B . 11.38 0.74 -4.58
C7 9OZ B . 11.10 -0.65 -4.04
C8 9OZ B . 9.66 -1.04 -3.65
C9 9OZ B . 10.11 -2.48 -3.99
C10 9OZ B . 11.05 -1.84 -5.03
C11 9OZ B . 10.68 -3.38 -2.87
C12 9OZ B . 10.32 -5.84 -3.68
C13 9OZ B . 9.15 -6.82 -3.75
C14 9OZ B . 11.39 -6.29 -2.69
C15 9OZ B . 11.07 -6.31 -1.35
C16 9OZ B . 12.00 -6.72 -0.37
C17 9OZ B . 13.26 -7.11 -0.74
C18 9OZ B . 13.65 -7.12 -2.10
C19 9OZ B . 14.95 -7.53 -2.48
C20 9OZ B . 15.33 -7.54 -3.78
C21 9OZ B . 14.43 -7.14 -4.78
C22 9OZ B . 13.17 -6.74 -4.46
C23 9OZ B . 12.71 -6.71 -3.10
C24 9OZ B . 9.10 -3.60 -4.35
C25 9OZ B . 14.43 2.05 -4.15
C26 9OZ B . 15.54 2.54 -3.49
N1 9OZ B . 12.39 0.86 -5.46
N2 9OZ B . 9.80 -4.48 -3.36
N3 9OZ B . 16.22 3.63 -3.91
O1 9OZ B . 16.45 5.34 -5.47
O2 9OZ B . 10.71 1.72 -4.22
S DMS C . 7.26 -10.32 11.57
O DMS C . 6.57 -9.50 10.56
C1 DMS C . 6.32 -10.86 12.97
C2 DMS C . 8.96 -10.76 11.43
ZN ZN D . 16.86 -16.80 23.33
ZN ZN E . 3.57 0.46 -13.90
#